data_5C2J
#
_entry.id   5C2J
#
_cell.length_a   43.324
_cell.length_b   74.237
_cell.length_c   55.423
_cell.angle_alpha   90.00
_cell.angle_beta   96.67
_cell.angle_gamma   90.00
#
_symmetry.space_group_name_H-M   'P 1 21 1'
#
loop_
_entity.id
_entity.type
_entity.pdbx_description
1 polymer 'Rac GTPase-activating protein 1'
2 polymer 'Cell division control protein 42 homolog'
3 non-polymer 'MAGNESIUM ION'
4 non-polymer "GUANOSINE-5'-DIPHOSPHATE"
5 non-polymer 'ALUMINUM FLUORIDE'
6 water water
#
loop_
_entity_poly.entity_id
_entity_poly.type
_entity_poly.pdbx_seq_one_letter_code
_entity_poly.pdbx_strand_id
1 'polypeptide(L)'
;GSSGSSGIGEGMLADFVSQTSPMIPSIVVHCVNEIEQRGLTETGLYRISGCDRTVKELKEKFLRVKTVPLLSKVDDIHAI
CSLLKDFLRNLKEPLLTFRLNRAFMEAAEITDEDNSIAAMYQAVGELPQANRDTLAFLMIHLQRVAQSPHTKMDVANLAK
VFGPTIVAHAVPNPDPVTMSQDIKRQPKVVERLLSLPLEYWSQFMMVE
;
A
2 'polypeptide(L)'
;GSSGSSGMQTIKCVVVGDGAVGKTCLLISYTTNKFPSEYVPTVFDNYAVTVMIGGEPYTLGLFDTAGQEDYDRLRPLSYP
QTDVFLVCFSVVSPSSFENVKEKWVPEITHHCPKTPFLLVGTQIDLRDDPSTIEKLAKNKQKPITPETAEKLARDLKAVK
YVECSALTQKGLKNVFDEAILAALEPPEPKKSRRCVLL
;
B
#
loop_
_chem_comp.id
_chem_comp.type
_chem_comp.name
_chem_comp.formula
AF3 non-polymer 'ALUMINUM FLUORIDE' 'Al F3'
GDP RNA linking GUANOSINE-5'-DIPHOSPHATE 'C10 H15 N5 O11 P2'
MG non-polymer 'MAGNESIUM ION' 'Mg 2'
#
# COMPACT_ATOMS: atom_id res chain seq x y z
N ILE A 8 -1.79 -21.56 6.40
CA ILE A 8 -1.70 -20.38 5.49
C ILE A 8 -0.60 -20.62 4.44
N GLY A 9 -0.26 -19.59 3.69
CA GLY A 9 0.79 -19.73 2.69
C GLY A 9 0.31 -19.77 1.25
N GLU A 10 -0.83 -20.43 1.03
CA GLU A 10 -1.41 -20.56 -0.32
C GLU A 10 -0.50 -21.36 -1.26
N GLY A 11 -1.09 -21.91 -2.31
CA GLY A 11 -0.32 -22.66 -3.29
C GLY A 11 -0.21 -21.86 -4.59
N MET A 12 -0.23 -22.56 -5.71
CA MET A 12 -0.15 -21.92 -7.02
C MET A 12 -1.51 -21.36 -7.41
N LEU A 13 -1.53 -20.52 -8.41
CA LEU A 13 -2.78 -19.94 -8.89
C LEU A 13 -3.75 -21.05 -9.30
N ALA A 14 -3.28 -21.98 -10.12
CA ALA A 14 -4.11 -23.08 -10.60
C ALA A 14 -4.74 -23.93 -9.51
N ASP A 15 -4.16 -23.93 -8.33
CA ASP A 15 -4.74 -24.73 -7.23
C ASP A 15 -6.08 -24.18 -6.75
N PHE A 16 -6.48 -23.03 -7.28
CA PHE A 16 -7.72 -22.41 -6.85
C PHE A 16 -8.76 -22.28 -7.94
N VAL A 17 -8.52 -22.90 -9.08
CA VAL A 17 -9.49 -22.83 -10.17
C VAL A 17 -10.35 -24.08 -10.11
N SER A 18 -11.64 -23.94 -10.37
CA SER A 18 -12.55 -25.08 -10.35
C SER A 18 -13.20 -25.23 -11.71
N GLN A 19 -13.57 -24.11 -12.31
CA GLN A 19 -14.16 -24.16 -13.64
C GLN A 19 -13.04 -24.22 -14.68
N THR A 20 -13.38 -24.74 -15.85
CA THR A 20 -12.42 -24.88 -16.93
C THR A 20 -12.53 -23.74 -17.93
N SER A 21 -13.56 -22.92 -17.81
CA SER A 21 -13.70 -21.86 -18.79
C SER A 21 -14.47 -20.63 -18.33
N PRO A 22 -13.75 -19.51 -18.14
CA PRO A 22 -12.30 -19.50 -18.36
C PRO A 22 -11.69 -20.00 -17.06
N MET A 23 -10.42 -20.35 -17.08
CA MET A 23 -9.79 -20.85 -15.87
C MET A 23 -9.44 -19.76 -14.86
N ILE A 24 -10.45 -19.33 -14.10
CA ILE A 24 -10.28 -18.28 -13.08
C ILE A 24 -10.76 -18.73 -11.68
N PRO A 25 -10.04 -18.36 -10.61
CA PRO A 25 -10.44 -18.75 -9.24
C PRO A 25 -11.74 -18.03 -8.83
N SER A 26 -12.60 -18.73 -8.10
CA SER A 26 -13.87 -18.14 -7.66
C SER A 26 -13.57 -16.93 -6.79
N ILE A 27 -12.55 -17.06 -5.95
CA ILE A 27 -12.16 -16.00 -5.06
C ILE A 27 -11.93 -14.70 -5.83
N VAL A 28 -11.27 -14.80 -6.98
CA VAL A 28 -10.99 -13.65 -7.83
C VAL A 28 -12.29 -13.12 -8.40
N VAL A 29 -13.03 -14.02 -9.04
CA VAL A 29 -14.31 -13.69 -9.64
C VAL A 29 -15.19 -12.94 -8.63
N HIS A 30 -15.37 -13.51 -7.44
CA HIS A 30 -16.22 -12.87 -6.43
C HIS A 30 -15.77 -11.49 -5.92
N CYS A 31 -14.47 -11.31 -5.74
CA CYS A 31 -13.97 -10.02 -5.29
C CYS A 31 -14.26 -8.97 -6.36
N VAL A 32 -13.91 -9.30 -7.60
CA VAL A 32 -14.10 -8.38 -8.70
C VAL A 32 -15.57 -8.03 -8.85
N ASN A 33 -16.43 -9.04 -8.88
CA ASN A 33 -17.87 -8.81 -9.02
C ASN A 33 -18.39 -7.88 -7.93
N GLU A 34 -17.94 -8.08 -6.70
CA GLU A 34 -18.38 -7.23 -5.60
C GLU A 34 -17.88 -5.81 -5.76
N ILE A 35 -16.62 -5.67 -6.12
CA ILE A 35 -16.05 -4.35 -6.27
C ILE A 35 -16.78 -3.58 -7.36
N GLU A 36 -17.07 -4.27 -8.46
CA GLU A 36 -17.76 -3.64 -9.57
C GLU A 36 -19.22 -3.44 -9.22
N GLN A 37 -19.74 -4.33 -8.40
CA GLN A 37 -21.12 -4.26 -7.95
C GLN A 37 -21.34 -2.94 -7.19
N ARG A 38 -20.48 -2.65 -6.21
CA ARG A 38 -20.63 -1.44 -5.41
C ARG A 38 -20.49 -0.14 -6.20
N GLY A 39 -20.45 -0.25 -7.53
CA GLY A 39 -20.36 0.95 -8.35
C GLY A 39 -19.04 1.41 -8.96
N LEU A 40 -17.91 1.16 -8.31
CA LEU A 40 -16.61 1.59 -8.85
C LEU A 40 -16.46 3.11 -8.82
N THR A 41 -16.92 3.77 -7.76
CA THR A 41 -16.81 5.22 -7.68
C THR A 41 -16.13 5.71 -6.42
N GLU A 42 -15.64 4.77 -5.61
CA GLU A 42 -14.96 5.13 -4.38
C GLU A 42 -13.52 5.54 -4.69
N THR A 43 -13.12 6.70 -4.18
CA THR A 43 -11.76 7.21 -4.38
C THR A 43 -10.73 6.26 -3.78
N GLY A 44 -9.65 6.02 -4.51
CA GLY A 44 -8.58 5.18 -4.01
C GLY A 44 -8.70 3.67 -4.07
N LEU A 45 -9.57 3.15 -4.92
CA LEU A 45 -9.70 1.71 -5.04
C LEU A 45 -8.32 1.08 -5.21
N TYR A 46 -8.00 0.12 -4.35
CA TYR A 46 -6.72 -0.58 -4.37
C TYR A 46 -5.57 0.25 -3.82
N ARG A 47 -5.81 1.55 -3.57
CA ARG A 47 -4.77 2.39 -3.00
C ARG A 47 -4.94 2.40 -1.49
N ILE A 48 -6.20 2.31 -1.05
CA ILE A 48 -6.52 2.33 0.37
C ILE A 48 -6.64 0.93 0.94
N SER A 49 -6.00 0.71 2.09
CA SER A 49 -5.99 -0.59 2.74
C SER A 49 -7.28 -0.86 3.48
N GLY A 50 -7.80 -2.07 3.38
CA GLY A 50 -9.00 -2.37 4.15
C GLY A 50 -8.52 -2.60 5.58
N CYS A 51 -9.45 -2.90 6.48
CA CYS A 51 -9.06 -3.16 7.86
C CYS A 51 -8.29 -4.48 7.84
N ASP A 52 -7.06 -4.47 8.36
CA ASP A 52 -6.21 -5.68 8.35
C ASP A 52 -6.79 -6.89 9.07
N ARG A 53 -7.40 -6.67 10.23
CA ARG A 53 -7.99 -7.77 10.98
C ARG A 53 -9.06 -8.44 10.12
N THR A 54 -9.88 -7.62 9.46
CA THR A 54 -10.93 -8.13 8.61
C THR A 54 -10.39 -8.90 7.41
N VAL A 55 -9.42 -8.33 6.73
CA VAL A 55 -8.85 -8.98 5.57
C VAL A 55 -8.28 -10.35 5.95
N LYS A 56 -7.63 -10.43 7.10
CA LYS A 56 -7.06 -11.69 7.54
C LYS A 56 -8.10 -12.73 7.93
N GLU A 57 -9.19 -12.29 8.55
CA GLU A 57 -10.23 -13.24 8.95
C GLU A 57 -10.94 -13.82 7.73
N LEU A 58 -11.18 -12.99 6.72
CA LEU A 58 -11.85 -13.44 5.50
C LEU A 58 -10.96 -14.45 4.81
N LYS A 59 -9.66 -14.15 4.85
CA LYS A 59 -8.66 -14.99 4.22
C LYS A 59 -8.57 -16.35 4.91
N GLU A 60 -8.60 -16.35 6.23
CA GLU A 60 -8.50 -17.58 6.99
C GLU A 60 -9.67 -18.52 6.77
N LYS A 61 -10.87 -17.97 6.63
CA LYS A 61 -12.02 -18.81 6.36
C LYS A 61 -11.75 -19.49 5.02
N PHE A 62 -11.53 -18.67 4.00
CA PHE A 62 -11.27 -19.16 2.65
C PHE A 62 -10.22 -20.25 2.53
N LEU A 63 -9.01 -19.93 2.95
CA LEU A 63 -7.90 -20.86 2.85
C LEU A 63 -8.06 -22.22 3.53
N ARG A 64 -9.06 -22.37 4.39
CA ARG A 64 -9.26 -23.65 5.07
C ARG A 64 -9.48 -24.79 4.07
N VAL A 65 -10.51 -24.67 3.23
CA VAL A 65 -10.79 -25.68 2.21
C VAL A 65 -11.16 -25.01 0.90
N LYS A 66 -10.85 -23.72 0.80
CA LYS A 66 -11.14 -22.91 -0.39
C LYS A 66 -12.62 -22.61 -0.55
N THR A 67 -13.25 -22.16 0.52
CA THR A 67 -14.67 -21.80 0.53
C THR A 67 -14.79 -20.29 0.42
N VAL A 68 -15.15 -19.80 -0.76
CA VAL A 68 -15.29 -18.35 -0.94
C VAL A 68 -16.46 -17.86 -0.09
N PRO A 69 -16.19 -16.95 0.86
CA PRO A 69 -17.21 -16.38 1.74
C PRO A 69 -18.04 -15.32 1.02
N LEU A 70 -19.23 -15.03 1.56
CA LEU A 70 -20.11 -14.00 0.99
C LEU A 70 -19.48 -12.64 1.29
N LEU A 71 -19.34 -11.82 0.26
CA LEU A 71 -18.74 -10.51 0.41
C LEU A 71 -19.80 -9.45 0.29
N SER A 72 -21.00 -9.90 -0.04
CA SER A 72 -22.12 -8.99 -0.22
C SER A 72 -22.30 -8.04 0.94
N LYS A 73 -22.08 -8.53 2.16
CA LYS A 73 -22.26 -7.71 3.35
C LYS A 73 -21.01 -7.06 3.97
N VAL A 74 -19.86 -7.21 3.32
CA VAL A 74 -18.65 -6.57 3.83
C VAL A 74 -18.86 -5.12 3.43
N ASP A 75 -19.04 -4.24 4.41
CA ASP A 75 -19.30 -2.84 4.10
C ASP A 75 -18.13 -2.06 3.50
N ASP A 76 -16.96 -2.09 4.12
CA ASP A 76 -15.81 -1.37 3.58
C ASP A 76 -15.29 -2.13 2.35
N ILE A 77 -15.56 -1.57 1.17
CA ILE A 77 -15.17 -2.20 -0.08
C ILE A 77 -13.67 -2.34 -0.25
N HIS A 78 -12.90 -1.53 0.46
CA HIS A 78 -11.45 -1.59 0.36
C HIS A 78 -10.92 -2.90 0.93
N ALA A 79 -11.65 -3.46 1.88
CA ALA A 79 -11.22 -4.72 2.49
C ALA A 79 -11.26 -5.84 1.44
N ILE A 80 -12.05 -5.64 0.38
CA ILE A 80 -12.15 -6.64 -0.68
C ILE A 80 -11.01 -6.39 -1.67
N CYS A 81 -10.73 -5.13 -1.95
CA CYS A 81 -9.63 -4.80 -2.83
C CYS A 81 -8.38 -5.42 -2.21
N SER A 82 -8.22 -5.21 -0.90
CA SER A 82 -7.09 -5.73 -0.15
C SER A 82 -7.10 -7.25 -0.13
N LEU A 83 -8.28 -7.84 -0.01
CA LEU A 83 -8.39 -9.29 0.02
C LEU A 83 -8.00 -9.91 -1.31
N LEU A 84 -8.26 -9.19 -2.40
CA LEU A 84 -7.92 -9.69 -3.73
C LEU A 84 -6.41 -9.67 -3.91
N LYS A 85 -5.81 -8.50 -3.68
CA LYS A 85 -4.36 -8.32 -3.82
C LYS A 85 -3.62 -9.26 -2.89
N ASP A 86 -4.17 -9.48 -1.72
CA ASP A 86 -3.55 -10.36 -0.74
C ASP A 86 -3.56 -11.78 -1.29
N PHE A 87 -4.67 -12.18 -1.92
CA PHE A 87 -4.74 -13.52 -2.49
C PHE A 87 -3.69 -13.67 -3.59
N LEU A 88 -3.65 -12.69 -4.50
CA LEU A 88 -2.70 -12.73 -5.59
C LEU A 88 -1.27 -12.70 -5.10
N ARG A 89 -0.94 -11.66 -4.33
CA ARG A 89 0.41 -11.50 -3.81
C ARG A 89 0.96 -12.69 -3.01
N ASN A 90 0.09 -13.55 -2.48
CA ASN A 90 0.60 -14.66 -1.69
C ASN A 90 0.71 -16.03 -2.36
N LEU A 91 0.30 -16.10 -3.62
CA LEU A 91 0.39 -17.36 -4.36
C LEU A 91 1.85 -17.82 -4.29
N LYS A 92 2.10 -19.12 -4.47
CA LYS A 92 3.48 -19.60 -4.39
C LYS A 92 4.36 -19.03 -5.50
N GLU A 93 3.72 -18.52 -6.54
CA GLU A 93 4.43 -17.93 -7.67
C GLU A 93 3.54 -16.80 -8.18
N PRO A 94 4.13 -15.64 -8.52
CA PRO A 94 3.34 -14.49 -9.02
C PRO A 94 2.48 -14.81 -10.23
N LEU A 95 1.45 -14.00 -10.46
CA LEU A 95 0.55 -14.23 -11.59
C LEU A 95 1.30 -14.41 -12.91
N LEU A 96 2.31 -13.58 -13.16
CA LEU A 96 3.05 -13.71 -14.42
C LEU A 96 4.11 -14.83 -14.41
N THR A 97 4.11 -15.58 -13.31
CA THR A 97 5.01 -16.72 -13.07
C THR A 97 6.47 -16.31 -12.97
N PHE A 98 7.27 -17.18 -12.35
CA PHE A 98 8.70 -16.93 -12.21
C PHE A 98 9.35 -16.97 -13.58
N ARG A 99 9.15 -18.09 -14.28
CA ARG A 99 9.71 -18.31 -15.61
C ARG A 99 9.65 -17.15 -16.59
N LEU A 100 8.56 -16.37 -16.56
CA LEU A 100 8.39 -15.28 -17.51
C LEU A 100 8.65 -13.90 -16.92
N ASN A 101 9.07 -13.85 -15.66
CA ASN A 101 9.32 -12.57 -15.00
C ASN A 101 10.19 -11.62 -15.85
N ARG A 102 11.41 -12.04 -16.17
CA ARG A 102 12.28 -11.19 -16.95
C ARG A 102 11.67 -10.87 -18.31
N ALA A 103 11.23 -11.92 -19.00
CA ALA A 103 10.63 -11.79 -20.32
C ALA A 103 9.67 -10.61 -20.31
N PHE A 104 8.69 -10.66 -19.40
CA PHE A 104 7.71 -9.59 -19.29
C PHE A 104 8.38 -8.23 -19.04
N MET A 105 9.33 -8.19 -18.10
CA MET A 105 9.99 -6.92 -17.83
C MET A 105 10.68 -6.35 -19.06
N GLU A 106 11.49 -7.16 -19.76
CA GLU A 106 12.19 -6.64 -20.92
C GLU A 106 11.31 -6.37 -22.15
N ALA A 107 10.13 -6.98 -22.20
CA ALA A 107 9.22 -6.75 -23.31
C ALA A 107 8.55 -5.39 -23.12
N ALA A 108 8.55 -4.89 -21.89
CA ALA A 108 7.92 -3.61 -21.58
C ALA A 108 8.92 -2.46 -21.72
N GLU A 109 10.20 -2.80 -21.62
CA GLU A 109 11.29 -1.82 -21.72
C GLU A 109 11.68 -1.54 -23.18
N ILE A 110 11.13 -2.30 -24.12
CA ILE A 110 11.42 -2.07 -25.54
C ILE A 110 10.88 -0.67 -25.88
N THR A 111 11.79 0.27 -26.12
CA THR A 111 11.44 1.66 -26.39
C THR A 111 10.47 1.86 -27.56
N ASP A 112 10.44 0.92 -28.49
CA ASP A 112 9.51 1.03 -29.61
C ASP A 112 8.16 0.51 -29.14
N GLU A 113 7.18 1.39 -29.07
CA GLU A 113 5.85 1.02 -28.60
C GLU A 113 5.32 -0.26 -29.21
N ASP A 114 5.23 -0.30 -30.54
CA ASP A 114 4.71 -1.47 -31.24
C ASP A 114 5.41 -2.79 -30.92
N ASN A 115 6.70 -2.87 -31.21
CA ASN A 115 7.45 -4.08 -30.94
C ASN A 115 7.26 -4.48 -29.48
N SER A 116 7.16 -3.48 -28.60
CA SER A 116 6.93 -3.74 -27.17
C SER A 116 5.57 -4.40 -27.04
N ILE A 117 4.57 -3.82 -27.71
CA ILE A 117 3.22 -4.37 -27.69
C ILE A 117 3.25 -5.81 -28.22
N ALA A 118 4.00 -6.02 -29.31
CA ALA A 118 4.11 -7.35 -29.91
C ALA A 118 4.75 -8.39 -28.99
N ALA A 119 5.84 -8.03 -28.33
CA ALA A 119 6.51 -8.95 -27.40
C ALA A 119 5.62 -9.22 -26.19
N MET A 120 4.75 -8.27 -25.86
CA MET A 120 3.85 -8.47 -24.73
C MET A 120 2.86 -9.58 -25.10
N TYR A 121 2.29 -9.50 -26.29
CA TYR A 121 1.35 -10.52 -26.74
C TYR A 121 1.99 -11.89 -26.67
N GLN A 122 3.24 -11.97 -27.12
CA GLN A 122 3.96 -13.22 -27.14
C GLN A 122 4.15 -13.81 -25.74
N ALA A 123 4.53 -12.96 -24.79
CA ALA A 123 4.76 -13.37 -23.41
C ALA A 123 3.47 -13.88 -22.76
N VAL A 124 2.43 -13.08 -22.86
CA VAL A 124 1.14 -13.46 -22.31
C VAL A 124 0.79 -14.86 -22.82
N GLY A 125 0.81 -15.02 -24.14
CA GLY A 125 0.50 -16.30 -24.74
C GLY A 125 1.33 -17.46 -24.21
N GLU A 126 2.39 -17.13 -23.48
CA GLU A 126 3.29 -18.13 -22.90
C GLU A 126 2.82 -18.65 -21.56
N LEU A 127 2.12 -17.80 -20.82
CA LEU A 127 1.62 -18.15 -19.51
C LEU A 127 0.76 -19.39 -19.56
N PRO A 128 0.63 -20.09 -18.43
CA PRO A 128 -0.21 -21.29 -18.38
C PRO A 128 -1.60 -20.69 -18.58
N GLN A 129 -2.57 -21.47 -19.04
CA GLN A 129 -3.88 -20.88 -19.28
C GLN A 129 -4.52 -20.19 -18.10
N ALA A 130 -4.41 -20.79 -16.92
CA ALA A 130 -5.02 -20.23 -15.72
C ALA A 130 -4.61 -18.78 -15.48
N ASN A 131 -3.31 -18.52 -15.63
CA ASN A 131 -2.77 -17.19 -15.42
C ASN A 131 -3.20 -16.22 -16.51
N ARG A 132 -3.26 -16.68 -17.75
CA ARG A 132 -3.68 -15.81 -18.83
C ARG A 132 -5.14 -15.42 -18.63
N ASP A 133 -5.98 -16.42 -18.37
CA ASP A 133 -7.40 -16.15 -18.16
C ASP A 133 -7.59 -15.24 -16.96
N THR A 134 -6.98 -15.60 -15.84
CA THR A 134 -7.09 -14.80 -14.63
C THR A 134 -6.55 -13.39 -14.84
N LEU A 135 -5.44 -13.29 -15.57
CA LEU A 135 -4.84 -11.99 -15.84
C LEU A 135 -5.77 -11.15 -16.71
N ALA A 136 -6.32 -11.78 -17.75
CA ALA A 136 -7.22 -11.11 -18.68
C ALA A 136 -8.37 -10.49 -17.90
N PHE A 137 -9.04 -11.33 -17.11
CA PHE A 137 -10.17 -10.91 -16.29
C PHE A 137 -9.83 -9.64 -15.50
N LEU A 138 -8.64 -9.65 -14.90
CA LEU A 138 -8.15 -8.53 -14.10
C LEU A 138 -7.85 -7.28 -14.89
N MET A 139 -7.30 -7.43 -16.08
CA MET A 139 -6.97 -6.28 -16.91
C MET A 139 -8.24 -5.59 -17.36
N ILE A 140 -9.27 -6.39 -17.61
CA ILE A 140 -10.54 -5.86 -18.04
C ILE A 140 -11.14 -5.13 -16.84
N HIS A 141 -11.04 -5.73 -15.67
CA HIS A 141 -11.57 -5.13 -14.46
C HIS A 141 -10.94 -3.79 -14.15
N LEU A 142 -9.61 -3.76 -14.15
CA LEU A 142 -8.86 -2.55 -13.84
C LEU A 142 -9.04 -1.46 -14.89
N GLN A 143 -9.11 -1.83 -16.16
CA GLN A 143 -9.32 -0.83 -17.21
C GLN A 143 -10.62 -0.08 -16.90
N ARG A 144 -11.56 -0.75 -16.25
CA ARG A 144 -12.82 -0.12 -15.86
C ARG A 144 -12.52 0.83 -14.71
N VAL A 145 -11.77 0.33 -13.73
CA VAL A 145 -11.40 1.13 -12.58
C VAL A 145 -10.70 2.40 -13.03
N ALA A 146 -9.79 2.25 -13.98
CA ALA A 146 -9.00 3.37 -14.48
C ALA A 146 -9.89 4.33 -15.24
N GLN A 147 -11.02 3.83 -15.71
CA GLN A 147 -11.95 4.65 -16.47
C GLN A 147 -13.04 5.35 -15.67
N SER A 148 -13.04 5.15 -14.36
CA SER A 148 -14.00 5.81 -13.49
C SER A 148 -13.33 7.03 -12.91
N PRO A 149 -13.84 8.22 -13.27
CA PRO A 149 -13.23 9.44 -12.75
C PRO A 149 -13.06 9.41 -11.22
N HIS A 150 -14.16 9.15 -10.51
CA HIS A 150 -14.16 9.11 -9.05
C HIS A 150 -13.07 8.30 -8.36
N THR A 151 -12.58 7.25 -9.01
CA THR A 151 -11.57 6.40 -8.38
C THR A 151 -10.24 7.13 -8.23
N LYS A 152 -9.98 8.06 -9.14
CA LYS A 152 -8.74 8.81 -9.14
C LYS A 152 -7.56 7.86 -9.26
N MET A 153 -7.83 6.63 -9.71
CA MET A 153 -6.77 5.63 -9.87
C MET A 153 -6.52 5.35 -11.34
N ASP A 154 -5.65 6.15 -11.95
CA ASP A 154 -5.32 5.97 -13.36
C ASP A 154 -4.41 4.77 -13.58
N VAL A 155 -4.18 4.44 -14.83
CA VAL A 155 -3.32 3.30 -15.17
C VAL A 155 -1.99 3.29 -14.43
N ALA A 156 -1.35 4.47 -14.34
CA ALA A 156 -0.06 4.60 -13.65
C ALA A 156 -0.13 4.31 -12.16
N ASN A 157 -1.25 4.69 -11.53
CA ASN A 157 -1.43 4.46 -10.10
C ASN A 157 -1.62 2.98 -9.88
N LEU A 158 -2.53 2.40 -10.65
CA LEU A 158 -2.80 0.97 -10.53
C LEU A 158 -1.51 0.24 -10.77
N ALA A 159 -0.74 0.68 -11.75
CA ALA A 159 0.53 0.02 -12.07
C ALA A 159 1.51 0.07 -10.89
N LYS A 160 1.51 1.16 -10.13
CA LYS A 160 2.40 1.31 -8.98
C LYS A 160 1.96 0.42 -7.81
N VAL A 161 0.67 0.11 -7.75
CA VAL A 161 0.17 -0.73 -6.67
C VAL A 161 0.10 -2.21 -7.00
N PHE A 162 -0.17 -2.55 -8.27
CA PHE A 162 -0.27 -3.94 -8.68
C PHE A 162 1.02 -4.54 -9.16
N GLY A 163 1.94 -3.70 -9.61
CA GLY A 163 3.22 -4.19 -10.07
C GLY A 163 3.91 -5.14 -9.11
N PRO A 164 4.01 -4.79 -7.81
CA PRO A 164 4.69 -5.69 -6.88
C PRO A 164 3.94 -7.00 -6.69
N THR A 165 2.65 -6.97 -7.01
CA THR A 165 1.77 -8.11 -6.83
C THR A 165 1.69 -9.13 -7.96
N ILE A 166 1.33 -8.71 -9.16
CA ILE A 166 1.21 -9.67 -10.24
C ILE A 166 2.50 -9.86 -11.04
N VAL A 167 3.40 -8.89 -10.95
CA VAL A 167 4.68 -8.99 -11.65
C VAL A 167 5.65 -9.62 -10.65
N ALA A 168 5.97 -8.89 -9.59
CA ALA A 168 6.86 -9.36 -8.53
C ALA A 168 8.28 -9.75 -8.95
N HIS A 169 8.73 -10.91 -8.48
CA HIS A 169 10.11 -11.35 -8.76
C HIS A 169 10.31 -12.65 -9.51
N ALA A 170 11.53 -12.86 -9.96
CA ALA A 170 11.89 -14.06 -10.71
C ALA A 170 12.29 -15.21 -9.78
N VAL A 171 12.38 -14.92 -8.48
CA VAL A 171 12.76 -15.93 -7.50
C VAL A 171 12.03 -15.74 -6.17
N PRO A 172 11.94 -16.80 -5.36
CA PRO A 172 11.23 -16.68 -4.08
C PRO A 172 11.79 -15.52 -3.26
N ASN A 173 13.07 -15.62 -2.91
CA ASN A 173 13.72 -14.58 -2.12
C ASN A 173 14.82 -13.80 -2.81
N PRO A 174 14.47 -12.67 -3.45
CA PRO A 174 15.45 -11.84 -4.13
C PRO A 174 16.34 -11.23 -3.05
N ASP A 175 17.53 -10.80 -3.42
CA ASP A 175 18.41 -10.16 -2.44
C ASP A 175 18.02 -8.69 -2.44
N PRO A 176 18.38 -7.96 -1.37
CA PRO A 176 18.08 -6.53 -1.21
C PRO A 176 18.25 -5.65 -2.46
N VAL A 177 19.32 -5.87 -3.21
CA VAL A 177 19.55 -5.05 -4.40
C VAL A 177 18.66 -5.44 -5.58
N THR A 178 18.68 -6.72 -5.92
CA THR A 178 17.86 -7.23 -7.02
C THR A 178 16.38 -6.91 -6.75
N MET A 179 15.98 -6.92 -5.49
CA MET A 179 14.60 -6.63 -5.16
C MET A 179 14.27 -5.19 -5.55
N SER A 180 15.06 -4.26 -5.05
CA SER A 180 14.83 -2.86 -5.35
C SER A 180 14.80 -2.63 -6.87
N GLN A 181 15.52 -3.47 -7.62
CA GLN A 181 15.58 -3.36 -9.07
C GLN A 181 14.26 -3.79 -9.70
N ASP A 182 13.80 -4.97 -9.33
CA ASP A 182 12.54 -5.46 -9.88
C ASP A 182 11.43 -4.44 -9.68
N ILE A 183 11.25 -3.98 -8.43
CA ILE A 183 10.22 -3.00 -8.11
C ILE A 183 10.22 -1.80 -9.07
N LYS A 184 11.39 -1.36 -9.49
CA LYS A 184 11.48 -0.23 -10.40
C LYS A 184 10.95 -0.59 -11.80
N ARG A 185 11.10 -1.87 -12.16
CA ARG A 185 10.70 -2.38 -13.47
C ARG A 185 9.27 -2.88 -13.55
N GLN A 186 8.72 -3.37 -12.43
CA GLN A 186 7.36 -3.91 -12.44
C GLN A 186 6.30 -2.97 -13.01
N PRO A 187 6.22 -1.73 -12.53
CA PRO A 187 5.20 -0.80 -13.06
C PRO A 187 5.06 -0.69 -14.59
N LYS A 188 6.17 -0.60 -15.30
CA LYS A 188 6.11 -0.47 -16.74
C LYS A 188 5.42 -1.68 -17.40
N VAL A 189 5.58 -2.84 -16.77
CA VAL A 189 4.98 -4.07 -17.28
C VAL A 189 3.46 -4.00 -17.19
N VAL A 190 2.98 -3.56 -16.03
CA VAL A 190 1.55 -3.45 -15.80
C VAL A 190 0.96 -2.40 -16.75
N GLU A 191 1.73 -1.35 -17.03
CA GLU A 191 1.26 -0.30 -17.94
C GLU A 191 0.94 -0.88 -19.32
N ARG A 192 1.87 -1.66 -19.87
CA ARG A 192 1.66 -2.26 -21.17
C ARG A 192 0.42 -3.13 -21.18
N LEU A 193 0.34 -4.04 -20.21
CA LEU A 193 -0.79 -4.93 -20.12
C LEU A 193 -2.12 -4.18 -20.14
N LEU A 194 -2.17 -3.07 -19.42
CA LEU A 194 -3.38 -2.25 -19.35
C LEU A 194 -3.65 -1.54 -20.66
N SER A 195 -2.60 -1.33 -21.43
CA SER A 195 -2.72 -0.63 -22.71
C SER A 195 -3.21 -1.55 -23.83
N LEU A 196 -3.30 -2.85 -23.57
CA LEU A 196 -3.77 -3.76 -24.61
C LEU A 196 -5.27 -3.57 -24.73
N PRO A 197 -5.81 -3.65 -25.96
CA PRO A 197 -7.24 -3.47 -26.21
C PRO A 197 -8.09 -4.41 -25.38
N LEU A 198 -9.31 -3.97 -25.09
CA LEU A 198 -10.26 -4.76 -24.33
C LEU A 198 -10.61 -5.96 -25.20
N GLU A 199 -10.75 -5.74 -26.51
CA GLU A 199 -11.06 -6.83 -27.43
C GLU A 199 -10.10 -7.98 -27.21
N TYR A 200 -8.82 -7.67 -27.16
CA TYR A 200 -7.78 -8.67 -26.95
C TYR A 200 -7.99 -9.48 -25.66
N TRP A 201 -8.15 -8.78 -24.54
CA TRP A 201 -8.34 -9.45 -23.27
C TRP A 201 -9.63 -10.28 -23.26
N SER A 202 -10.68 -9.71 -23.83
CA SER A 202 -11.99 -10.36 -23.88
C SER A 202 -12.07 -11.73 -24.53
N GLN A 203 -11.20 -12.00 -25.50
CA GLN A 203 -11.24 -13.27 -26.20
C GLN A 203 -10.95 -14.45 -25.29
N PHE A 204 -10.26 -14.19 -24.18
CA PHE A 204 -9.95 -15.29 -23.28
C PHE A 204 -11.12 -15.48 -22.33
N MET A 205 -12.06 -14.55 -22.36
CA MET A 205 -13.22 -14.63 -21.50
C MET A 205 -14.37 -15.48 -22.01
N MET A 206 -14.28 -15.96 -23.24
CA MET A 206 -15.35 -16.80 -23.76
C MET A 206 -15.30 -18.19 -23.19
N VAL A 207 -16.46 -18.66 -22.75
CA VAL A 207 -16.60 -19.99 -22.15
C VAL A 207 -16.59 -21.04 -23.24
N GLU A 208 -15.43 -21.68 -23.41
CA GLU A 208 -15.20 -22.73 -24.42
C GLU A 208 -14.03 -22.33 -25.32
N MET B 8 28.74 14.99 11.81
CA MET B 8 27.51 15.81 12.01
C MET B 8 26.34 14.97 12.56
N GLN B 9 25.45 15.64 13.29
CA GLN B 9 24.31 14.98 13.90
C GLN B 9 23.06 14.97 13.02
N THR B 10 22.83 13.83 12.39
CA THR B 10 21.71 13.65 11.51
C THR B 10 20.63 12.85 12.25
N ILE B 11 19.37 13.21 12.02
CA ILE B 11 18.26 12.51 12.63
C ILE B 11 17.44 11.80 11.56
N LYS B 12 17.39 10.47 11.63
CA LYS B 12 16.60 9.76 10.64
C LYS B 12 15.22 9.47 11.16
N CYS B 13 14.23 9.98 10.43
CA CYS B 13 12.83 9.80 10.79
C CYS B 13 12.13 9.10 9.62
N VAL B 14 11.49 7.97 9.92
CA VAL B 14 10.78 7.22 8.90
C VAL B 14 9.27 7.25 9.17
N VAL B 15 8.51 7.70 8.17
CA VAL B 15 7.07 7.80 8.26
C VAL B 15 6.41 6.55 7.67
N VAL B 16 5.53 5.91 8.45
CA VAL B 16 4.83 4.71 7.98
C VAL B 16 3.33 4.83 8.26
N GLY B 17 2.55 3.98 7.59
CA GLY B 17 1.11 4.02 7.78
C GLY B 17 0.32 3.72 6.50
N ASP B 18 -0.94 3.35 6.68
CA ASP B 18 -1.83 3.05 5.57
C ASP B 18 -1.72 4.01 4.40
N GLY B 19 -2.07 3.53 3.22
CA GLY B 19 -2.03 4.36 2.04
C GLY B 19 -3.08 5.45 2.09
N ALA B 20 -2.76 6.61 1.53
CA ALA B 20 -3.69 7.73 1.50
C ALA B 20 -3.93 8.48 2.80
N VAL B 21 -3.33 8.08 3.93
CA VAL B 21 -3.56 8.84 5.17
C VAL B 21 -2.95 10.26 5.11
N GLY B 22 -1.96 10.47 4.23
CA GLY B 22 -1.33 11.78 4.08
C GLY B 22 0.15 11.89 4.44
N LYS B 23 0.86 10.76 4.46
CA LYS B 23 2.28 10.77 4.82
C LYS B 23 3.07 11.78 4.01
N THR B 24 2.95 11.67 2.70
CA THR B 24 3.63 12.55 1.78
C THR B 24 3.20 14.00 1.94
N CYS B 25 1.90 14.22 2.09
CA CYS B 25 1.39 15.58 2.24
C CYS B 25 1.97 16.31 3.41
N LEU B 26 2.15 15.62 4.52
CA LEU B 26 2.71 16.30 5.67
C LEU B 26 4.20 16.57 5.49
N LEU B 27 4.91 15.68 4.82
CA LEU B 27 6.34 15.89 4.61
C LEU B 27 6.55 17.08 3.66
N ILE B 28 5.72 17.19 2.64
CA ILE B 28 5.83 18.27 1.68
C ILE B 28 5.36 19.61 2.25
N SER B 29 4.18 19.61 2.87
CA SER B 29 3.62 20.83 3.43
C SER B 29 4.60 21.40 4.45
N TYR B 30 5.13 20.52 5.29
CA TYR B 30 6.08 20.94 6.31
C TYR B 30 7.31 21.59 5.69
N THR B 31 8.03 20.81 4.88
CA THR B 31 9.26 21.26 4.24
C THR B 31 9.11 22.35 3.16
N THR B 32 7.94 22.48 2.54
CA THR B 32 7.80 23.50 1.51
C THR B 32 6.66 24.49 1.71
N ASN B 33 5.85 24.29 2.75
CA ASN B 33 4.71 25.18 3.02
C ASN B 33 3.73 25.18 1.87
N LYS B 34 3.76 24.12 1.06
CA LYS B 34 2.85 24.00 -0.06
C LYS B 34 2.20 22.63 0.03
N PHE B 35 0.88 22.59 -0.09
CA PHE B 35 0.10 21.35 -0.04
C PHE B 35 0.00 20.77 -1.45
N PRO B 36 0.42 19.50 -1.63
CA PRO B 36 0.40 18.78 -2.91
C PRO B 36 -1.03 18.50 -3.38
N SER B 37 -1.33 18.82 -4.63
CA SER B 37 -2.66 18.61 -5.20
C SER B 37 -2.81 17.20 -5.78
N GLU B 38 -1.76 16.71 -6.43
CA GLU B 38 -1.75 15.38 -7.06
C GLU B 38 -2.23 14.21 -6.20
N TYR B 39 -2.76 13.19 -6.86
CA TYR B 39 -3.23 11.99 -6.16
C TYR B 39 -2.42 10.81 -6.66
N VAL B 40 -1.19 10.66 -6.15
CA VAL B 40 -0.35 9.54 -6.57
C VAL B 40 0.34 8.82 -5.41
N PRO B 41 0.34 7.47 -5.43
CA PRO B 41 0.93 6.58 -4.43
C PRO B 41 2.45 6.74 -4.37
N THR B 42 3.00 6.58 -3.17
CA THR B 42 4.43 6.75 -2.95
C THR B 42 5.13 5.41 -2.83
N VAL B 43 6.09 5.18 -3.73
CA VAL B 43 6.87 3.96 -3.70
C VAL B 43 7.88 4.19 -2.56
N PHE B 44 8.79 5.15 -2.74
CA PHE B 44 9.77 5.51 -1.71
C PHE B 44 10.39 6.87 -1.99
N ASP B 45 10.64 7.64 -0.94
CA ASP B 45 11.28 8.95 -1.09
C ASP B 45 11.88 9.41 0.22
N ASN B 46 12.75 10.41 0.13
CA ASN B 46 13.35 10.95 1.34
C ASN B 46 13.80 12.40 1.14
N TYR B 47 13.29 13.26 2.01
CA TYR B 47 13.59 14.68 2.01
C TYR B 47 14.51 14.98 3.19
N ALA B 48 14.94 16.23 3.31
CA ALA B 48 15.81 16.64 4.40
C ALA B 48 15.66 18.11 4.72
N VAL B 49 16.04 18.48 5.94
CA VAL B 49 15.97 19.86 6.42
C VAL B 49 16.89 20.03 7.61
N THR B 50 17.50 21.22 7.71
CA THR B 50 18.36 21.48 8.84
C THR B 50 17.53 22.28 9.84
N VAL B 51 17.40 21.75 11.04
CA VAL B 51 16.63 22.42 12.07
C VAL B 51 17.55 23.00 13.15
N MET B 52 17.09 24.09 13.77
CA MET B 52 17.87 24.75 14.82
C MET B 52 17.21 24.66 16.17
N ILE B 53 17.44 23.56 16.87
CA ILE B 53 16.87 23.37 18.19
C ILE B 53 17.98 23.47 19.23
N GLY B 54 17.67 24.07 20.37
CA GLY B 54 18.65 24.22 21.42
C GLY B 54 19.84 25.05 20.96
N GLY B 55 19.64 25.75 19.84
CA GLY B 55 20.70 26.58 19.28
C GLY B 55 21.72 25.74 18.53
N GLU B 56 21.38 24.47 18.32
CA GLU B 56 22.25 23.53 17.63
C GLU B 56 21.74 23.13 16.25
N PRO B 57 22.66 22.94 15.29
CA PRO B 57 22.35 22.55 13.90
C PRO B 57 22.05 21.06 13.78
N TYR B 58 20.80 20.72 13.49
CA TYR B 58 20.41 19.32 13.33
C TYR B 58 19.80 19.02 11.96
N THR B 59 20.29 17.97 11.34
CA THR B 59 19.80 17.56 10.05
C THR B 59 18.72 16.50 10.23
N LEU B 60 17.53 16.81 9.76
CA LEU B 60 16.40 15.90 9.87
C LEU B 60 16.14 15.19 8.55
N GLY B 61 16.56 13.93 8.49
CA GLY B 61 16.36 13.13 7.29
C GLY B 61 15.00 12.49 7.36
N LEU B 62 14.12 12.89 6.45
CA LEU B 62 12.75 12.38 6.42
C LEU B 62 12.60 11.29 5.37
N PHE B 63 11.99 10.17 5.76
CA PHE B 63 11.79 9.06 4.83
C PHE B 63 10.33 8.66 4.61
N ASP B 64 9.90 8.83 3.36
CA ASP B 64 8.54 8.53 2.95
C ASP B 64 8.48 7.08 2.47
N THR B 65 7.37 6.42 2.76
CA THR B 65 7.21 5.03 2.38
C THR B 65 5.81 4.71 1.84
N ALA B 66 5.67 3.52 1.23
CA ALA B 66 4.40 3.08 0.67
C ALA B 66 3.59 2.30 1.71
N GLY B 67 2.34 2.72 1.91
CA GLY B 67 1.48 2.04 2.88
C GLY B 67 0.85 0.76 2.38
N GLN B 68 0.75 0.61 1.06
CA GLN B 68 0.15 -0.59 0.50
C GLN B 68 0.88 -1.83 1.00
N GLU B 69 0.11 -2.88 1.30
CA GLU B 69 0.67 -4.15 1.79
C GLU B 69 1.56 -4.77 0.71
N ASP B 70 1.37 -4.33 -0.53
CA ASP B 70 2.13 -4.80 -1.68
C ASP B 70 3.60 -4.47 -1.51
N TYR B 71 3.89 -3.40 -0.77
CA TYR B 71 5.26 -3.00 -0.55
C TYR B 71 5.83 -3.47 0.79
N ASP B 72 5.12 -4.40 1.44
CA ASP B 72 5.55 -4.91 2.73
C ASP B 72 6.98 -5.46 2.77
N ARG B 73 7.47 -5.96 1.64
CA ARG B 73 8.83 -6.50 1.63
C ARG B 73 9.89 -5.45 1.29
N LEU B 74 9.49 -4.39 0.58
CA LEU B 74 10.42 -3.31 0.21
C LEU B 74 10.53 -2.22 1.26
N ARG B 75 9.49 -2.03 2.07
CA ARG B 75 9.51 -1.00 3.09
C ARG B 75 10.63 -1.15 4.13
N PRO B 76 10.82 -2.38 4.69
CA PRO B 76 11.85 -2.65 5.70
C PRO B 76 13.25 -2.20 5.30
N LEU B 77 13.44 -1.91 4.01
CA LEU B 77 14.73 -1.46 3.50
C LEU B 77 15.09 -0.05 3.93
N SER B 78 14.12 0.73 4.35
CA SER B 78 14.41 2.10 4.78
C SER B 78 14.58 2.22 6.29
N TYR B 79 14.31 1.14 7.02
CA TYR B 79 14.42 1.14 8.47
C TYR B 79 15.81 1.30 9.07
N PRO B 80 16.81 0.56 8.55
CA PRO B 80 18.18 0.67 9.09
C PRO B 80 18.62 2.10 9.37
N GLN B 81 19.17 2.30 10.56
CA GLN B 81 19.67 3.60 11.03
C GLN B 81 18.59 4.61 11.44
N THR B 82 17.34 4.15 11.56
CA THR B 82 16.26 5.06 11.95
C THR B 82 16.36 5.45 13.42
N ASP B 83 16.19 6.73 13.70
CA ASP B 83 16.24 7.23 15.07
C ASP B 83 14.86 7.37 15.68
N VAL B 84 13.84 7.47 14.84
CA VAL B 84 12.46 7.60 15.31
C VAL B 84 11.46 7.36 14.17
N PHE B 85 10.34 6.72 14.49
CA PHE B 85 9.30 6.41 13.53
C PHE B 85 8.04 7.24 13.74
N LEU B 86 7.44 7.69 12.64
CA LEU B 86 6.19 8.43 12.73
C LEU B 86 5.13 7.49 12.18
N VAL B 87 4.35 6.90 13.07
CA VAL B 87 3.28 5.98 12.69
C VAL B 87 2.01 6.81 12.50
N CYS B 88 1.64 7.04 11.25
CA CYS B 88 0.47 7.86 10.90
C CYS B 88 -0.83 7.15 10.56
N PHE B 89 -1.94 7.75 10.97
CA PHE B 89 -3.24 7.20 10.67
C PHE B 89 -4.13 8.43 10.45
N SER B 90 -5.20 8.27 9.68
CA SER B 90 -6.09 9.38 9.41
C SER B 90 -7.14 9.38 10.50
N VAL B 91 -7.29 10.51 11.20
CA VAL B 91 -8.30 10.60 12.24
C VAL B 91 -9.71 10.30 11.70
N VAL B 92 -9.90 10.40 10.38
CA VAL B 92 -11.21 10.14 9.79
C VAL B 92 -11.31 8.79 9.07
N SER B 93 -10.33 7.92 9.29
CA SER B 93 -10.33 6.59 8.72
C SER B 93 -10.14 5.60 9.87
N PRO B 94 -11.25 5.13 10.45
CA PRO B 94 -11.21 4.17 11.56
C PRO B 94 -10.33 2.96 11.30
N SER B 95 -10.31 2.49 10.05
CA SER B 95 -9.51 1.33 9.71
C SER B 95 -8.02 1.64 9.75
N SER B 96 -7.64 2.86 9.37
CA SER B 96 -6.23 3.22 9.38
C SER B 96 -5.73 3.33 10.81
N PHE B 97 -6.64 3.60 11.73
CA PHE B 97 -6.32 3.71 13.15
C PHE B 97 -6.17 2.30 13.67
N GLU B 98 -7.05 1.44 13.17
CA GLU B 98 -7.08 0.02 13.50
C GLU B 98 -5.77 -0.68 13.16
N ASN B 99 -5.28 -0.42 11.95
CA ASN B 99 -4.05 -1.04 11.46
C ASN B 99 -2.78 -0.57 12.17
N VAL B 100 -2.93 0.40 13.07
CA VAL B 100 -1.79 0.91 13.81
C VAL B 100 -1.33 -0.16 14.80
N LYS B 101 -2.29 -0.83 15.44
CA LYS B 101 -1.97 -1.88 16.40
C LYS B 101 -1.95 -3.26 15.75
N GLU B 102 -2.73 -3.42 14.68
CA GLU B 102 -2.81 -4.71 14.00
C GLU B 102 -1.69 -4.92 12.98
N LYS B 103 -0.94 -3.87 12.65
CA LYS B 103 0.10 -4.03 11.65
C LYS B 103 1.35 -3.16 11.80
N TRP B 104 1.17 -1.84 11.78
CA TRP B 104 2.30 -0.93 11.85
C TRP B 104 3.16 -0.98 13.10
N VAL B 105 2.56 -0.93 14.27
CA VAL B 105 3.37 -1.04 15.48
C VAL B 105 4.08 -2.40 15.49
N PRO B 106 3.36 -3.49 15.22
CA PRO B 106 3.98 -4.82 15.19
C PRO B 106 5.20 -4.84 14.25
N GLU B 107 5.07 -4.22 13.08
CA GLU B 107 6.14 -4.17 12.08
C GLU B 107 7.43 -3.51 12.51
N ILE B 108 7.35 -2.25 12.96
CA ILE B 108 8.53 -1.52 13.37
C ILE B 108 9.18 -2.06 14.64
N THR B 109 8.39 -2.57 15.57
CA THR B 109 8.99 -3.12 16.79
C THR B 109 9.65 -4.47 16.49
N HIS B 110 9.25 -5.10 15.39
CA HIS B 110 9.83 -6.37 14.99
C HIS B 110 11.14 -6.13 14.23
N HIS B 111 11.26 -4.95 13.64
CA HIS B 111 12.46 -4.60 12.90
C HIS B 111 13.37 -3.70 13.73
N CYS B 112 12.76 -2.78 14.49
CA CYS B 112 13.48 -1.82 15.31
C CYS B 112 12.97 -1.82 16.76
N PRO B 113 13.22 -2.91 17.50
CA PRO B 113 12.79 -3.05 18.89
C PRO B 113 13.17 -1.88 19.80
N LYS B 114 14.30 -1.23 19.53
CA LYS B 114 14.78 -0.11 20.35
C LYS B 114 14.40 1.28 19.86
N THR B 115 13.77 1.38 18.69
CA THR B 115 13.44 2.69 18.13
C THR B 115 12.13 3.31 18.60
N PRO B 116 12.16 4.61 18.94
CA PRO B 116 10.98 5.35 19.40
C PRO B 116 10.00 5.56 18.24
N PHE B 117 8.75 5.86 18.57
CA PHE B 117 7.78 6.14 17.53
C PHE B 117 6.68 6.94 18.16
N LEU B 118 6.09 7.84 17.36
CA LEU B 118 5.00 8.68 17.82
C LEU B 118 3.74 8.34 17.06
N LEU B 119 2.62 8.35 17.74
CA LEU B 119 1.36 8.07 17.09
C LEU B 119 1.03 9.41 16.44
N VAL B 120 0.74 9.40 15.13
CA VAL B 120 0.41 10.64 14.44
C VAL B 120 -0.94 10.58 13.76
N GLY B 121 -1.90 11.35 14.27
CA GLY B 121 -3.20 11.38 13.65
C GLY B 121 -3.13 12.47 12.62
N THR B 122 -3.50 12.15 11.38
CA THR B 122 -3.48 13.10 10.28
C THR B 122 -4.88 13.49 9.82
N GLN B 123 -4.92 14.54 8.99
CA GLN B 123 -6.17 15.06 8.43
C GLN B 123 -7.23 15.38 9.47
N ILE B 124 -6.85 16.14 10.49
CA ILE B 124 -7.78 16.51 11.54
C ILE B 124 -8.79 17.56 11.06
N ASP B 125 -8.39 18.33 10.05
CA ASP B 125 -9.26 19.36 9.49
C ASP B 125 -10.50 18.71 8.90
N LEU B 126 -10.37 17.46 8.49
CA LEU B 126 -11.49 16.71 7.91
C LEU B 126 -12.53 16.27 8.92
N ARG B 127 -12.33 16.61 10.19
CA ARG B 127 -13.31 16.22 11.19
C ARG B 127 -14.55 17.11 11.05
N ASP B 128 -14.45 18.17 10.23
CA ASP B 128 -15.55 19.09 10.02
C ASP B 128 -15.97 19.12 8.57
N ASP B 129 -15.58 18.10 7.82
CA ASP B 129 -15.95 18.07 6.43
C ASP B 129 -17.34 17.45 6.31
N PRO B 130 -18.30 18.21 5.75
CA PRO B 130 -19.68 17.73 5.58
C PRO B 130 -19.73 16.35 4.91
N SER B 131 -19.12 16.24 3.73
CA SER B 131 -19.11 14.99 2.99
C SER B 131 -18.50 13.83 3.78
N THR B 132 -17.34 14.07 4.36
CA THR B 132 -16.62 13.06 5.12
C THR B 132 -17.40 12.48 6.28
N ILE B 133 -17.88 13.35 7.16
CA ILE B 133 -18.60 12.92 8.34
C ILE B 133 -19.79 12.04 7.96
N GLU B 134 -20.48 12.43 6.89
CA GLU B 134 -21.64 11.68 6.43
C GLU B 134 -21.30 10.33 5.86
N LYS B 135 -20.17 10.22 5.15
CA LYS B 135 -19.80 8.92 4.60
C LYS B 135 -19.48 7.96 5.74
N LEU B 136 -18.93 8.51 6.82
CA LEU B 136 -18.59 7.72 8.00
C LEU B 136 -19.85 7.25 8.72
N ALA B 137 -20.79 8.16 8.94
CA ALA B 137 -22.04 7.80 9.61
C ALA B 137 -22.80 6.78 8.75
N LYS B 138 -22.67 6.93 7.44
CA LYS B 138 -23.32 6.05 6.48
C LYS B 138 -23.00 4.60 6.81
N ASN B 139 -21.82 4.39 7.39
CA ASN B 139 -21.34 3.07 7.76
C ASN B 139 -21.39 3.01 9.29
N LYS B 140 -22.18 3.91 9.87
CA LYS B 140 -22.33 3.98 11.32
C LYS B 140 -20.99 4.06 12.02
N GLN B 141 -20.13 4.94 11.51
CA GLN B 141 -18.82 5.16 12.09
C GLN B 141 -18.63 6.64 12.36
N LYS B 142 -17.59 6.96 13.12
CA LYS B 142 -17.30 8.34 13.46
C LYS B 142 -15.78 8.51 13.52
N PRO B 143 -15.29 9.76 13.52
CA PRO B 143 -13.84 10.03 13.58
C PRO B 143 -13.22 9.59 14.91
N ILE B 144 -11.89 9.47 14.93
CA ILE B 144 -11.18 9.09 16.15
C ILE B 144 -10.93 10.36 16.97
N THR B 145 -11.30 10.34 18.25
CA THR B 145 -11.09 11.50 19.12
C THR B 145 -9.67 11.47 19.68
N PRO B 146 -9.14 12.65 20.04
CA PRO B 146 -7.79 12.75 20.58
C PRO B 146 -7.61 11.84 21.78
N GLU B 147 -8.68 11.70 22.57
CA GLU B 147 -8.66 10.88 23.79
C GLU B 147 -8.51 9.39 23.51
N THR B 148 -9.13 8.92 22.44
CA THR B 148 -9.07 7.51 22.05
C THR B 148 -7.66 7.21 21.57
N ALA B 149 -7.12 8.11 20.77
CA ALA B 149 -5.79 7.96 20.22
C ALA B 149 -4.72 7.98 21.33
N GLU B 150 -4.87 8.92 22.26
CA GLU B 150 -3.94 9.05 23.39
C GLU B 150 -3.88 7.78 24.22
N LYS B 151 -5.01 7.08 24.28
CA LYS B 151 -5.08 5.84 25.04
C LYS B 151 -4.28 4.75 24.32
N LEU B 152 -4.52 4.61 23.02
CA LEU B 152 -3.81 3.61 22.22
C LEU B 152 -2.32 3.93 22.30
N ALA B 153 -2.01 5.22 22.26
CA ALA B 153 -0.64 5.69 22.35
C ALA B 153 0.01 5.07 23.58
N ARG B 154 -0.61 5.25 24.74
CA ARG B 154 -0.09 4.70 25.99
C ARG B 154 -0.04 3.18 25.96
N ASP B 155 -1.14 2.56 25.55
CA ASP B 155 -1.20 1.11 25.50
C ASP B 155 -0.07 0.48 24.70
N LEU B 156 0.23 1.08 23.55
CA LEU B 156 1.28 0.56 22.67
C LEU B 156 2.69 1.08 22.97
N LYS B 157 2.82 1.84 24.04
CA LYS B 157 4.12 2.39 24.46
C LYS B 157 4.72 3.39 23.49
N ALA B 158 3.87 4.19 22.83
CA ALA B 158 4.37 5.21 21.91
C ALA B 158 4.90 6.34 22.78
N VAL B 159 5.81 7.15 22.24
CA VAL B 159 6.35 8.26 23.00
C VAL B 159 5.28 9.32 23.23
N LYS B 160 4.51 9.62 22.20
CA LYS B 160 3.45 10.61 22.31
C LYS B 160 2.45 10.48 21.20
N TYR B 161 1.32 11.16 21.39
CA TYR B 161 0.29 11.19 20.39
C TYR B 161 0.20 12.64 19.92
N VAL B 162 0.27 12.83 18.63
CA VAL B 162 0.15 14.16 18.05
C VAL B 162 -0.71 13.99 16.82
N GLU B 163 -1.38 15.06 16.43
CA GLU B 163 -2.22 15.05 15.25
C GLU B 163 -2.03 16.36 14.51
N CYS B 164 -2.46 16.39 13.26
CA CYS B 164 -2.27 17.60 12.48
C CYS B 164 -3.07 17.53 11.20
N SER B 165 -3.15 18.67 10.52
CA SER B 165 -3.80 18.76 9.23
C SER B 165 -2.69 19.25 8.31
N ALA B 166 -2.30 18.45 7.33
CA ALA B 166 -1.24 18.87 6.43
C ALA B 166 -1.78 20.02 5.58
N LEU B 167 -3.10 20.09 5.50
CA LEU B 167 -3.76 21.13 4.73
C LEU B 167 -3.65 22.49 5.41
N THR B 168 -4.00 22.57 6.69
CA THR B 168 -3.92 23.84 7.41
C THR B 168 -2.60 24.00 8.14
N GLN B 169 -1.87 22.89 8.29
CA GLN B 169 -0.58 22.85 8.98
C GLN B 169 -0.82 22.93 10.49
N LYS B 170 -2.08 22.84 10.88
CA LYS B 170 -2.40 22.90 12.28
C LYS B 170 -1.64 21.76 12.91
N GLY B 171 -0.83 22.08 13.91
CA GLY B 171 -0.05 21.08 14.62
C GLY B 171 1.02 20.40 13.79
N LEU B 172 1.25 20.87 12.58
CA LEU B 172 2.25 20.26 11.71
C LEU B 172 3.67 20.43 12.22
N LYS B 173 4.11 21.66 12.44
CA LYS B 173 5.47 21.87 12.94
C LYS B 173 5.68 21.11 14.25
N ASN B 174 4.71 21.20 15.15
CA ASN B 174 4.82 20.52 16.41
C ASN B 174 5.11 19.03 16.30
N VAL B 175 4.41 18.33 15.41
CA VAL B 175 4.62 16.89 15.22
C VAL B 175 6.11 16.59 15.10
N PHE B 176 6.77 17.30 14.20
CA PHE B 176 8.19 17.11 13.98
C PHE B 176 9.04 17.56 15.16
N ASP B 177 8.57 18.58 15.88
CA ASP B 177 9.34 19.03 17.03
C ASP B 177 9.42 17.88 18.03
N GLU B 178 8.28 17.28 18.31
CA GLU B 178 8.21 16.16 19.25
C GLU B 178 9.00 14.96 18.71
N ALA B 179 8.98 14.80 17.38
CA ALA B 179 9.70 13.71 16.73
C ALA B 179 11.21 13.92 16.88
N ILE B 180 11.62 15.19 17.00
CA ILE B 180 13.02 15.54 17.15
C ILE B 180 13.46 15.31 18.60
N LEU B 181 12.60 15.72 19.52
CA LEU B 181 12.88 15.56 20.93
C LEU B 181 13.00 14.08 21.28
N ALA B 182 12.11 13.27 20.73
CA ALA B 182 12.10 11.84 21.00
C ALA B 182 13.42 11.15 20.65
N ALA B 183 14.10 11.63 19.63
CA ALA B 183 15.37 11.05 19.22
C ALA B 183 16.52 11.60 20.05
N LEU B 184 16.36 12.82 20.54
CA LEU B 184 17.40 13.44 21.34
C LEU B 184 17.19 13.32 22.86
N GLU B 185 16.26 14.10 23.39
CA GLU B 185 15.95 14.13 24.83
C GLU B 185 16.32 12.95 25.73
N PRO B 186 16.07 11.70 25.30
CA PRO B 186 16.43 10.58 26.18
C PRO B 186 17.88 10.65 26.70
N PRO B 187 18.13 10.11 27.90
CA PRO B 187 19.47 10.12 28.50
C PRO B 187 20.46 9.13 27.88
N GLU B 188 19.97 7.96 27.51
CA GLU B 188 20.84 6.96 26.90
C GLU B 188 21.34 7.47 25.54
N PRO B 189 22.56 7.07 25.13
CA PRO B 189 23.16 7.48 23.86
C PRO B 189 22.24 7.34 22.64
N LYS B 190 22.37 8.27 21.69
CA LYS B 190 21.56 8.25 20.48
C LYS B 190 21.66 6.91 19.76
N LYS B 191 22.81 6.24 19.93
CA LYS B 191 23.07 4.95 19.30
C LYS B 191 22.11 3.86 19.74
N SER B 192 21.81 3.78 21.03
CA SER B 192 20.91 2.76 21.57
C SER B 192 19.51 2.75 20.96
N ARG B 193 19.15 3.82 20.25
CA ARG B 193 17.83 3.89 19.65
C ARG B 193 17.85 3.71 18.13
N ARG B 194 19.03 3.79 17.52
CA ARG B 194 19.17 3.64 16.07
C ARG B 194 18.93 2.20 15.64
N CYS B 195 18.05 2.02 14.65
CA CYS B 195 17.70 0.71 14.15
C CYS B 195 18.88 -0.01 13.51
N VAL B 196 18.77 -1.33 13.44
CA VAL B 196 19.81 -2.18 12.87
C VAL B 196 19.16 -3.34 12.12
N LEU B 197 19.73 -3.70 10.98
CA LEU B 197 19.21 -4.81 10.16
C LEU B 197 19.41 -6.16 10.86
N LEU B 198 18.51 -7.10 10.57
CA LEU B 198 18.56 -8.46 11.13
C LEU B 198 18.58 -8.52 12.65
MG MG C . 2.93 9.18 -0.30
PB GDP D . -0.02 8.89 1.58
O1B GDP D . 0.20 8.35 2.94
O2B GDP D . 1.30 9.47 0.89
O3B GDP D . -0.60 7.77 0.58
O3A GDP D . -1.09 10.09 1.60
PA GDP D . -0.98 11.35 0.59
O1A GDP D . -0.16 12.39 1.25
O2A GDP D . -0.57 10.85 -0.74
O5' GDP D . -2.50 11.89 0.54
C5' GDP D . -3.58 11.02 0.18
C4' GDP D . -4.90 11.77 0.07
O4' GDP D . -5.19 12.42 1.32
C3' GDP D . -4.76 12.90 -0.97
O3' GDP D . -6.05 13.29 -1.43
C2' GDP D . -4.19 14.00 -0.07
O2' GDP D . -4.41 15.28 -0.70
C1' GDP D . -5.17 13.84 1.08
N9 GDP D . -4.71 14.57 2.28
C8 GDP D . -3.52 14.43 2.86
N7 GDP D . -3.44 15.22 3.93
C5 GDP D . -4.60 15.88 4.03
C6 GDP D . -5.08 16.80 4.95
O6 GDP D . -4.37 17.19 5.88
N1 GDP D . -6.37 17.30 4.79
C2 GDP D . -7.15 16.85 3.71
N2 GDP D . -8.37 17.33 3.55
N3 GDP D . -6.65 15.96 2.84
C4 GDP D . -5.41 15.47 2.98
AL AF3 E . 0.72 6.05 0.07
F1 AF3 E . -0.77 5.73 -0.74
F2 AF3 E . 1.15 5.12 1.45
F3 AF3 E . 1.76 7.27 -0.52
#